data_2Y62
#
_entry.id   2Y62
#
_cell.length_a   97.760
_cell.length_b   52.460
_cell.length_c   58.250
_cell.angle_alpha   90.00
_cell.angle_beta   118.08
_cell.angle_gamma   90.00
#
_symmetry.space_group_name_H-M   'C 1 2 1'
#
loop_
_entity.id
_entity.type
_entity.pdbx_description
1 polymer 'TRIOSEPHOSPHATE ISOMERASE SYNONYM TRIOSE-PHOSPHATE ISOMERASE, TIM'
2 non-polymer SN-GLYCEROL-3-PHOSPHATE
3 non-polymer SN-GLYCEROL-1-PHOSPHATE
4 non-polymer GLYCEROL
5 water water
#
_entity_poly.entity_id   1
_entity_poly.type   'polypeptide(L)'
_entity_poly.pdbx_seq_one_letter_code
;MSAKPQPIAAANWKCNGTTASIEKLVQVFNEHTISHDVQCVVAPTFVHIPLVQAKLRNPKYVISAQNAIAKSGAFTGEVS
MPILKDIGVHWVILGHSERRTYYGETDEIVAQKVSEACKQGFMVIACIGETLQQREANQTAKVVLSQTSAIAAKLTKDAW
NQVVLAYEPVWAIGTGKVATPEQAQEVHLLLRKWVSENIGTDVAAKLRILYGGSVNAANAATLYAKPDINGFLVGGASLK
PEFRDIIDATR
;
_entity_poly.pdbx_strand_id   A
#
loop_
_chem_comp.id
_chem_comp.type
_chem_comp.name
_chem_comp.formula
1GP non-polymer SN-GLYCEROL-1-PHOSPHATE 'C3 H9 O6 P'
G3P non-polymer SN-GLYCEROL-3-PHOSPHATE 'C3 H9 O6 P'
GOL non-polymer GLYCEROL 'C3 H8 O3'
#
# COMPACT_ATOMS: atom_id res chain seq x y z
N ALA A 3 -4.06 13.14 16.63
CA ALA A 3 -5.33 12.48 16.35
C ALA A 3 -5.21 11.70 15.04
N LYS A 4 -4.04 11.56 14.44
CA LYS A 4 -3.92 10.66 13.32
C LYS A 4 -4.23 9.22 13.73
N PRO A 5 -4.75 8.42 12.81
CA PRO A 5 -4.90 7.01 13.07
C PRO A 5 -3.50 6.33 13.11
N GLN A 6 -3.50 5.06 13.48
CA GLN A 6 -2.27 4.32 13.59
C GLN A 6 -1.54 4.34 12.24
N PRO A 7 -0.26 4.71 12.23
CA PRO A 7 0.46 4.72 10.95
C PRO A 7 0.80 3.31 10.51
N ILE A 8 1.14 3.23 9.21
CA ILE A 8 1.61 2.01 8.56
C ILE A 8 2.92 2.29 7.83
N ALA A 9 3.87 1.37 8.00
CA ALA A 9 5.12 1.39 7.22
C ALA A 9 5.17 0.04 6.49
N ALA A 10 4.95 0.08 5.17
CA ALA A 10 4.80 -1.13 4.37
C ALA A 10 5.93 -1.28 3.35
N ALA A 11 6.52 -2.45 3.36
CA ALA A 11 7.62 -2.84 2.47
C ALA A 11 7.08 -3.66 1.33
N ASN A 12 7.09 -3.11 0.11
CA ASN A 12 6.78 -3.84 -1.08
C ASN A 12 8.12 -4.29 -1.70
N TRP A 13 8.53 -5.50 -1.47
CA TRP A 13 9.80 -6.00 -1.96
C TRP A 13 9.79 -6.21 -3.49
N LYS A 14 8.59 -6.15 -4.08
CA LYS A 14 8.45 -6.40 -5.52
C LYS A 14 9.08 -7.74 -5.84
N CYS A 15 9.60 -7.88 -7.06
CA CYS A 15 10.09 -9.20 -7.52
C CYS A 15 11.58 -9.29 -7.26
N ASN A 16 11.92 -9.39 -5.95
CA ASN A 16 13.30 -9.33 -5.51
C ASN A 16 13.53 -10.21 -4.30
N GLY A 17 14.70 -10.83 -4.25
CA GLY A 17 15.18 -11.53 -3.07
C GLY A 17 15.78 -12.87 -3.40
N THR A 18 16.69 -13.28 -2.50
CA THR A 18 17.12 -14.67 -2.44
C THR A 18 16.85 -15.14 -1.03
N THR A 19 16.92 -16.46 -0.79
CA THR A 19 16.71 -16.83 0.59
CA THR A 19 16.85 -16.98 0.55
C THR A 19 17.82 -16.27 1.48
N ALA A 20 19.07 -16.17 1.01
CA ALA A 20 20.13 -15.62 1.84
C ALA A 20 19.86 -14.16 2.13
N SER A 21 19.44 -13.35 1.24
CA SER A 21 19.29 -11.92 1.34
C SER A 21 18.07 -11.68 2.26
N ILE A 22 17.06 -12.49 2.07
CA ILE A 22 15.86 -12.34 2.90
C ILE A 22 16.16 -12.67 4.35
N GLU A 23 16.92 -13.77 4.56
CA GLU A 23 17.25 -14.10 5.95
CA GLU A 23 17.27 -14.11 5.93
C GLU A 23 18.03 -12.97 6.60
N LYS A 24 18.96 -12.37 5.86
CA LYS A 24 19.73 -11.27 6.45
C LYS A 24 18.84 -10.05 6.75
N LEU A 25 17.97 -9.69 5.79
CA LEU A 25 17.14 -8.50 6.00
C LEU A 25 16.11 -8.71 7.07
N VAL A 26 15.52 -9.93 7.14
CA VAL A 26 14.56 -10.21 8.22
C VAL A 26 15.25 -10.13 9.57
N GLN A 27 16.52 -10.58 9.65
CA GLN A 27 17.26 -10.41 10.91
CA GLN A 27 17.22 -10.43 10.95
C GLN A 27 17.35 -8.95 11.32
N VAL A 28 17.68 -8.11 10.34
CA VAL A 28 17.73 -6.69 10.62
C VAL A 28 16.40 -6.17 11.15
N PHE A 29 15.31 -6.54 10.50
CA PHE A 29 13.99 -6.11 10.94
C PHE A 29 13.69 -6.61 12.34
N ASN A 30 14.08 -7.85 12.61
CA ASN A 30 13.82 -8.43 13.93
C ASN A 30 14.58 -7.72 15.03
N GLU A 31 15.80 -7.30 14.74
CA GLU A 31 16.68 -6.72 15.77
C GLU A 31 16.38 -5.26 16.01
N HIS A 32 15.49 -4.65 15.27
CA HIS A 32 15.09 -3.27 15.36
C HIS A 32 13.89 -3.18 16.28
N THR A 33 14.12 -2.68 17.51
CA THR A 33 13.03 -2.56 18.43
C THR A 33 12.22 -1.34 18.15
N ILE A 34 10.94 -1.50 17.95
CA ILE A 34 10.05 -0.37 17.60
C ILE A 34 9.25 0.01 18.84
N SER A 35 9.24 1.29 19.17
CA SER A 35 8.67 1.66 20.47
C SER A 35 7.48 2.60 20.35
N HIS A 36 6.86 2.60 19.20
CA HIS A 36 5.62 3.36 19.04
C HIS A 36 4.61 2.47 18.35
N ASP A 37 3.36 2.91 18.35
CA ASP A 37 2.27 2.19 17.73
C ASP A 37 2.29 2.39 16.21
N VAL A 38 2.66 1.35 15.47
CA VAL A 38 2.75 1.38 14.01
C VAL A 38 2.52 -0.03 13.54
N GLN A 39 1.78 -0.17 12.44
CA GLN A 39 1.66 -1.45 11.78
C GLN A 39 2.71 -1.50 10.69
N CYS A 40 3.70 -2.37 10.86
CA CYS A 40 4.69 -2.64 9.81
C CYS A 40 4.16 -3.79 8.99
N VAL A 41 4.44 -3.75 7.68
CA VAL A 41 3.97 -4.76 6.73
C VAL A 41 5.16 -5.13 5.83
N VAL A 42 5.35 -6.43 5.59
CA VAL A 42 6.33 -6.90 4.63
CA VAL A 42 6.31 -6.81 4.56
C VAL A 42 5.58 -7.69 3.57
N ALA A 43 5.78 -7.35 2.30
CA ALA A 43 5.13 -8.05 1.18
C ALA A 43 6.24 -8.68 0.32
N PRO A 44 6.57 -9.92 0.60
N PRO A 44 6.55 -9.93 0.55
CA PRO A 44 7.55 -10.69 -0.20
CA PRO A 44 7.57 -10.60 -0.27
C PRO A 44 6.89 -11.24 -1.47
C PRO A 44 6.89 -11.24 -1.48
N THR A 45 7.70 -11.75 -2.39
CA THR A 45 7.11 -12.53 -3.46
C THR A 45 6.38 -13.75 -2.89
N PHE A 46 5.46 -14.31 -3.67
CA PHE A 46 4.70 -15.41 -3.16
C PHE A 46 5.57 -16.56 -2.69
N VAL A 47 6.62 -16.89 -3.45
CA VAL A 47 7.41 -18.07 -3.14
CA VAL A 47 7.40 -18.09 -3.14
C VAL A 47 8.23 -17.88 -1.87
N HIS A 48 8.43 -16.63 -1.45
CA HIS A 48 9.18 -16.28 -0.26
C HIS A 48 8.30 -16.11 0.95
N ILE A 49 6.97 -16.16 0.83
CA ILE A 49 6.09 -15.98 1.98
C ILE A 49 6.43 -16.98 3.06
N PRO A 50 6.54 -18.29 2.78
CA PRO A 50 6.84 -19.24 3.87
C PRO A 50 8.14 -18.92 4.59
N LEU A 51 9.19 -18.55 3.88
CA LEU A 51 10.45 -18.20 4.53
C LEU A 51 10.25 -17.05 5.48
N VAL A 52 9.57 -15.98 5.00
CA VAL A 52 9.38 -14.81 5.85
C VAL A 52 8.51 -15.20 7.06
N GLN A 53 7.48 -16.02 6.86
CA GLN A 53 6.65 -16.44 7.98
C GLN A 53 7.50 -17.19 9.00
N ALA A 54 8.47 -17.97 8.54
CA ALA A 54 9.31 -18.78 9.44
C ALA A 54 10.31 -17.93 10.20
N LYS A 55 10.77 -16.84 9.63
CA LYS A 55 11.86 -16.08 10.20
C LYS A 55 11.48 -14.76 10.84
N LEU A 56 10.42 -14.12 10.38
CA LEU A 56 10.07 -12.80 10.90
C LEU A 56 9.41 -12.95 12.25
N ARG A 57 9.91 -12.22 13.23
CA ARG A 57 9.38 -12.30 14.62
C ARG A 57 9.05 -10.96 15.25
N ASN A 58 9.40 -9.85 14.60
CA ASN A 58 9.15 -8.55 15.19
C ASN A 58 7.64 -8.37 15.36
N PRO A 59 7.16 -8.12 16.57
CA PRO A 59 5.72 -8.13 16.78
C PRO A 59 4.97 -6.98 16.08
N LYS A 60 5.66 -5.97 15.60
CA LYS A 60 5.00 -4.88 14.89
C LYS A 60 4.66 -5.24 13.44
N TYR A 61 5.08 -6.41 12.96
CA TYR A 61 4.89 -6.76 11.57
C TYR A 61 3.78 -7.75 11.30
N VAL A 62 3.21 -7.60 10.14
CA VAL A 62 2.41 -8.59 9.45
C VAL A 62 2.96 -8.80 8.04
N ILE A 63 2.58 -9.92 7.44
CA ILE A 63 3.00 -10.29 6.12
C ILE A 63 1.85 -10.09 5.14
N SER A 64 2.17 -9.51 4.01
CA SER A 64 1.21 -9.24 2.94
C SER A 64 1.61 -9.93 1.64
N ALA A 65 0.61 -10.29 0.84
CA ALA A 65 0.83 -10.62 -0.55
C ALA A 65 0.92 -9.33 -1.35
N GLN A 66 1.58 -9.44 -2.53
CA GLN A 66 1.73 -8.31 -3.45
C GLN A 66 0.60 -8.22 -4.48
N ASN A 67 -0.24 -9.23 -4.54
CA ASN A 67 -1.36 -9.36 -5.46
C ASN A 67 -2.10 -10.62 -5.09
N ALA A 68 -3.29 -10.80 -5.66
CA ALA A 68 -4.05 -12.02 -5.59
C ALA A 68 -5.17 -11.95 -6.60
N ILE A 69 -5.77 -13.10 -6.85
CA ILE A 69 -7.06 -13.20 -7.52
C ILE A 69 -8.10 -13.65 -6.51
N ALA A 70 -9.37 -13.43 -6.80
CA ALA A 70 -10.41 -13.60 -5.83
C ALA A 70 -10.73 -15.04 -5.50
N LYS A 71 -10.68 -15.93 -6.47
CA LYS A 71 -11.17 -17.28 -6.31
C LYS A 71 -10.15 -18.28 -6.82
N SER A 72 -10.12 -19.43 -6.13
CA SER A 72 -9.41 -20.59 -6.59
C SER A 72 -10.03 -21.18 -7.86
N GLY A 73 -9.23 -21.91 -8.60
CA GLY A 73 -9.72 -22.59 -9.77
C GLY A 73 -8.65 -22.65 -10.85
N ALA A 74 -9.08 -22.69 -12.10
CA ALA A 74 -8.26 -22.98 -13.25
C ALA A 74 -7.54 -21.74 -13.75
N PHE A 75 -6.63 -21.22 -12.94
CA PHE A 75 -5.96 -19.97 -13.16
C PHE A 75 -4.44 -20.19 -12.98
N THR A 76 -3.87 -20.85 -13.97
CA THR A 76 -2.46 -21.26 -13.91
C THR A 76 -1.58 -20.06 -13.68
N GLY A 77 -0.70 -20.17 -12.66
CA GLY A 77 0.21 -19.15 -12.29
C GLY A 77 -0.22 -18.18 -11.24
N GLU A 78 -1.50 -18.13 -10.95
CA GLU A 78 -2.06 -17.15 -10.01
C GLU A 78 -2.23 -17.73 -8.61
N VAL A 79 -2.32 -16.84 -7.62
CA VAL A 79 -2.56 -17.22 -6.24
C VAL A 79 -3.86 -16.55 -5.76
N SER A 80 -4.77 -17.31 -5.20
CA SER A 80 -6.06 -16.78 -4.81
C SER A 80 -6.09 -16.36 -3.33
N MET A 81 -7.12 -15.55 -3.07
CA MET A 81 -7.38 -15.05 -1.73
C MET A 81 -7.66 -16.18 -0.75
N PRO A 82 -8.46 -17.19 -1.09
CA PRO A 82 -8.64 -18.30 -0.12
C PRO A 82 -7.34 -19.02 0.18
N ILE A 83 -6.49 -19.18 -0.83
CA ILE A 83 -5.20 -19.87 -0.60
C ILE A 83 -4.34 -19.07 0.35
N LEU A 84 -4.28 -17.75 0.16
CA LEU A 84 -3.54 -16.89 1.08
C LEU A 84 -4.08 -16.98 2.49
N LYS A 85 -5.41 -16.89 2.64
CA LYS A 85 -6.00 -16.94 3.97
C LYS A 85 -5.59 -18.26 4.64
N ASP A 86 -5.69 -19.37 3.91
CA ASP A 86 -5.36 -20.67 4.50
C ASP A 86 -3.95 -20.75 4.98
N ILE A 87 -3.00 -20.09 4.26
CA ILE A 87 -1.60 -20.13 4.66
C ILE A 87 -1.28 -19.05 5.68
N GLY A 88 -2.26 -18.26 6.13
CA GLY A 88 -2.01 -17.31 7.20
C GLY A 88 -1.72 -15.90 6.74
N VAL A 89 -1.93 -15.59 5.46
CA VAL A 89 -1.72 -14.22 4.96
C VAL A 89 -3.09 -13.55 4.79
N HIS A 90 -3.26 -12.44 5.49
CA HIS A 90 -4.53 -11.74 5.50
C HIS A 90 -4.34 -10.26 5.24
N TRP A 91 -3.25 -9.88 4.59
CA TRP A 91 -3.00 -8.58 3.99
C TRP A 91 -2.68 -8.78 2.52
N VAL A 92 -3.10 -7.81 1.70
CA VAL A 92 -2.79 -7.86 0.27
C VAL A 92 -2.68 -6.44 -0.26
N ILE A 93 -1.71 -6.24 -1.15
CA ILE A 93 -1.57 -5.04 -1.95
C ILE A 93 -2.31 -5.29 -3.25
N LEU A 94 -3.17 -4.32 -3.64
CA LEU A 94 -3.96 -4.47 -4.86
C LEU A 94 -3.87 -3.16 -5.66
N GLY A 95 -3.85 -3.34 -7.00
CA GLY A 95 -3.84 -2.21 -7.88
C GLY A 95 -2.54 -1.49 -8.01
N HIS A 96 -1.44 -2.07 -7.64
CA HIS A 96 -0.15 -1.40 -7.81
C HIS A 96 0.07 -1.06 -9.29
N SER A 97 0.72 0.08 -9.52
CA SER A 97 0.76 0.68 -10.82
C SER A 97 1.23 -0.24 -11.96
N GLU A 98 2.29 -1.01 -11.89
N GLU A 98 2.26 -0.97 -11.52
CA GLU A 98 2.65 -1.78 -13.10
CA GLU A 98 3.01 -1.98 -12.24
C GLU A 98 1.64 -2.89 -13.33
C GLU A 98 2.03 -2.99 -12.83
N ARG A 99 0.91 -3.32 -12.23
CA ARG A 99 -0.16 -4.27 -12.55
C ARG A 99 -1.26 -3.57 -13.34
N ARG A 100 -1.59 -2.33 -13.02
CA ARG A 100 -2.50 -1.54 -13.78
C ARG A 100 -2.01 -1.30 -15.21
N THR A 101 -0.73 -1.00 -15.34
CA THR A 101 -0.29 -0.55 -16.68
CA THR A 101 -0.10 -0.54 -16.59
C THR A 101 0.26 -1.71 -17.48
N TYR A 102 0.92 -2.71 -16.88
CA TYR A 102 1.62 -3.83 -17.56
C TYR A 102 0.66 -5.01 -17.71
N TYR A 103 -0.12 -5.26 -16.62
CA TYR A 103 -0.86 -6.53 -16.47
CA TYR A 103 -0.91 -6.46 -16.58
C TYR A 103 -2.39 -6.35 -16.57
N GLY A 104 -2.88 -5.29 -17.14
CA GLY A 104 -4.25 -5.08 -17.50
C GLY A 104 -5.26 -4.89 -16.40
N GLU A 105 -4.78 -4.48 -15.22
CA GLU A 105 -5.74 -4.23 -14.13
C GLU A 105 -6.35 -2.84 -14.25
N THR A 106 -7.56 -2.83 -14.83
CA THR A 106 -8.39 -1.65 -14.95
C THR A 106 -8.96 -1.26 -13.62
N ASP A 107 -9.58 -0.08 -13.57
CA ASP A 107 -10.24 0.31 -12.33
CA ASP A 107 -10.21 0.32 -12.30
C ASP A 107 -11.26 -0.72 -11.94
N GLU A 108 -11.98 -1.23 -12.90
CA GLU A 108 -13.03 -2.22 -12.57
C GLU A 108 -12.37 -3.48 -11.99
N ILE A 109 -11.27 -3.96 -12.58
CA ILE A 109 -10.64 -5.16 -12.06
C ILE A 109 -10.08 -4.90 -10.67
N VAL A 110 -9.44 -3.76 -10.45
CA VAL A 110 -8.91 -3.45 -9.12
C VAL A 110 -10.03 -3.39 -8.11
N ALA A 111 -11.10 -2.68 -8.45
CA ALA A 111 -12.23 -2.52 -7.54
C ALA A 111 -12.81 -3.88 -7.18
N GLN A 112 -12.97 -4.77 -8.17
CA GLN A 112 -13.49 -6.08 -7.87
C GLN A 112 -12.56 -6.84 -6.94
N LYS A 113 -11.28 -6.79 -7.18
CA LYS A 113 -10.33 -7.47 -6.31
C LYS A 113 -10.42 -6.93 -4.88
N VAL A 114 -10.44 -5.61 -4.74
CA VAL A 114 -10.50 -5.04 -3.41
C VAL A 114 -11.77 -5.50 -2.68
N SER A 115 -12.90 -5.48 -3.36
CA SER A 115 -14.16 -5.90 -2.78
CA SER A 115 -14.14 -5.86 -2.68
C SER A 115 -14.10 -7.34 -2.34
N GLU A 116 -13.57 -8.21 -3.19
CA GLU A 116 -13.47 -9.62 -2.82
C GLU A 116 -12.57 -9.83 -1.63
N ALA A 117 -11.45 -9.08 -1.62
CA ALA A 117 -10.51 -9.22 -0.51
C ALA A 117 -11.17 -8.81 0.79
N CYS A 118 -11.91 -7.68 0.76
CA CYS A 118 -12.57 -7.25 1.98
C CYS A 118 -13.58 -8.32 2.43
N LYS A 119 -14.32 -8.90 1.51
CA LYS A 119 -15.32 -9.90 1.88
CA LYS A 119 -15.30 -9.93 1.83
C LYS A 119 -14.64 -11.10 2.54
N GLN A 120 -13.40 -11.41 2.14
CA GLN A 120 -12.67 -12.53 2.68
C GLN A 120 -11.81 -12.15 3.88
N GLY A 121 -12.00 -10.97 4.44
CA GLY A 121 -11.38 -10.61 5.67
C GLY A 121 -9.96 -10.07 5.58
N PHE A 122 -9.54 -9.67 4.38
CA PHE A 122 -8.23 -9.09 4.26
C PHE A 122 -8.21 -7.64 4.70
N MET A 123 -7.03 -7.20 5.16
CA MET A 123 -6.61 -5.83 5.13
CA MET A 123 -6.62 -5.82 5.12
C MET A 123 -6.05 -5.58 3.74
N VAL A 124 -6.47 -4.49 3.10
CA VAL A 124 -6.09 -4.24 1.72
C VAL A 124 -5.37 -2.90 1.63
N ILE A 125 -4.20 -2.91 1.00
CA ILE A 125 -3.50 -1.67 0.65
C ILE A 125 -3.82 -1.45 -0.86
N ALA A 126 -4.75 -0.56 -1.13
CA ALA A 126 -5.27 -0.27 -2.47
C ALA A 126 -4.54 0.90 -3.02
N CYS A 127 -3.86 0.70 -4.15
CA CYS A 127 -3.00 1.71 -4.72
C CYS A 127 -3.72 2.54 -5.78
N ILE A 128 -3.49 3.85 -5.70
CA ILE A 128 -4.02 4.82 -6.65
C ILE A 128 -2.91 5.79 -7.00
N GLY A 129 -3.06 6.57 -8.07
CA GLY A 129 -2.06 7.56 -8.42
C GLY A 129 -2.11 7.93 -9.89
N GLU A 130 -1.69 9.14 -10.17
CA GLU A 130 -1.69 9.66 -11.55
C GLU A 130 -0.33 9.49 -12.24
N THR A 131 -0.39 9.50 -13.55
CA THR A 131 0.82 9.50 -14.35
C THR A 131 1.40 10.89 -14.49
N LEU A 132 2.65 10.96 -14.99
CA LEU A 132 3.26 12.25 -15.28
C LEU A 132 2.40 13.06 -16.27
N GLN A 133 1.86 12.39 -17.29
CA GLN A 133 1.01 13.02 -18.30
CA GLN A 133 1.06 13.14 -18.27
C GLN A 133 -0.22 13.64 -17.64
N GLN A 134 -0.91 12.98 -16.75
CA GLN A 134 -2.07 13.38 -16.01
C GLN A 134 -1.68 14.50 -15.07
N ARG A 135 -0.58 14.40 -14.38
CA ARG A 135 -0.13 15.50 -13.54
C ARG A 135 0.02 16.77 -14.39
N GLU A 136 0.73 16.67 -15.49
CA GLU A 136 0.97 17.76 -16.43
CA GLU A 136 0.98 17.90 -16.28
C GLU A 136 -0.28 18.44 -16.98
N ALA A 137 -1.29 17.63 -17.14
CA ALA A 137 -2.56 18.02 -17.66
C ALA A 137 -3.49 18.50 -16.56
N ASN A 138 -2.97 18.71 -15.34
CA ASN A 138 -3.80 19.14 -14.24
CA ASN A 138 -3.87 19.17 -14.30
C ASN A 138 -5.02 18.23 -13.97
N GLN A 139 -4.76 16.92 -14.11
CA GLN A 139 -5.83 15.94 -13.87
CA GLN A 139 -5.75 15.87 -13.91
C GLN A 139 -5.63 15.06 -12.63
N THR A 140 -4.66 15.39 -11.78
CA THR A 140 -4.35 14.57 -10.63
C THR A 140 -5.57 14.27 -9.79
N ALA A 141 -6.30 15.31 -9.39
CA ALA A 141 -7.47 15.12 -8.54
C ALA A 141 -8.52 14.25 -9.22
N LYS A 142 -8.84 14.57 -10.45
CA LYS A 142 -9.83 13.80 -11.17
C LYS A 142 -9.46 12.33 -11.23
N VAL A 143 -8.20 12.04 -11.53
CA VAL A 143 -7.73 10.67 -11.64
C VAL A 143 -7.84 9.91 -10.30
N VAL A 144 -7.31 10.49 -9.25
CA VAL A 144 -7.26 9.74 -7.99
C VAL A 144 -8.66 9.59 -7.43
N LEU A 145 -9.52 10.61 -7.63
CA LEU A 145 -10.89 10.46 -7.19
C LEU A 145 -11.68 9.42 -8.00
N SER A 146 -11.42 9.34 -9.32
CA SER A 146 -12.04 8.32 -10.14
CA SER A 146 -12.03 8.31 -10.15
C SER A 146 -11.60 6.92 -9.73
N GLN A 147 -10.27 6.77 -9.46
CA GLN A 147 -9.78 5.47 -9.03
C GLN A 147 -10.42 5.06 -7.69
N THR A 148 -10.48 6.01 -6.78
CA THR A 148 -11.05 5.78 -5.43
C THR A 148 -12.53 5.48 -5.50
N SER A 149 -13.25 6.29 -6.31
CA SER A 149 -14.68 6.06 -6.45
CA SER A 149 -14.69 6.04 -6.40
CA SER A 149 -14.67 6.10 -6.53
C SER A 149 -15.00 4.71 -7.04
N ALA A 150 -14.17 4.26 -8.00
CA ALA A 150 -14.40 2.94 -8.60
C ALA A 150 -14.35 1.85 -7.52
N ILE A 151 -13.32 1.94 -6.66
CA ILE A 151 -13.18 1.01 -5.56
C ILE A 151 -14.36 1.14 -4.61
N ALA A 152 -14.69 2.36 -4.25
CA ALA A 152 -15.78 2.60 -3.30
C ALA A 152 -17.10 2.00 -3.76
N ALA A 153 -17.34 2.03 -5.09
CA ALA A 153 -18.62 1.57 -5.64
C ALA A 153 -18.89 0.12 -5.30
N LYS A 154 -17.87 -0.67 -4.99
CA LYS A 154 -18.05 -2.10 -4.70
C LYS A 154 -17.92 -2.42 -3.22
N LEU A 155 -17.82 -1.43 -2.36
CA LEU A 155 -17.65 -1.60 -0.92
C LEU A 155 -18.84 -1.11 -0.13
N THR A 156 -19.16 -1.87 0.90
CA THR A 156 -19.99 -1.32 1.97
C THR A 156 -19.24 -0.38 2.90
N LYS A 157 -19.94 0.40 3.72
CA LYS A 157 -19.31 1.29 4.63
C LYS A 157 -18.41 0.49 5.59
N ASP A 158 -18.91 -0.59 6.13
CA ASP A 158 -18.13 -1.35 7.10
C ASP A 158 -16.84 -1.87 6.50
N ALA A 159 -16.76 -2.22 5.27
CA ALA A 159 -15.61 -2.76 4.52
C ALA A 159 -14.44 -1.78 4.58
N TRP A 160 -14.74 -0.47 4.69
CA TRP A 160 -13.69 0.52 4.73
C TRP A 160 -12.78 0.39 5.94
N ASN A 161 -13.23 -0.30 7.00
N ASN A 161 -13.29 -0.28 6.97
CA ASN A 161 -12.38 -0.52 8.10
CA ASN A 161 -12.43 -0.49 8.12
C ASN A 161 -11.12 -1.42 7.80
C ASN A 161 -11.27 -1.43 7.78
N GLN A 162 -11.30 -2.13 6.65
CA GLN A 162 -10.24 -3.00 6.16
C GLN A 162 -9.38 -2.37 5.07
N VAL A 163 -9.71 -1.17 4.62
CA VAL A 163 -9.00 -0.53 3.52
C VAL A 163 -7.97 0.45 4.03
N VAL A 164 -6.85 0.45 3.32
CA VAL A 164 -5.78 1.43 3.42
C VAL A 164 -5.57 1.96 2.01
N LEU A 165 -5.55 3.26 1.80
CA LEU A 165 -5.24 3.79 0.48
C LEU A 165 -3.73 4.08 0.44
N ALA A 166 -3.13 3.83 -0.72
CA ALA A 166 -1.74 4.23 -0.96
C ALA A 166 -1.75 5.12 -2.20
N TYR A 167 -1.49 6.42 -1.97
CA TYR A 167 -1.31 7.39 -3.03
C TYR A 167 0.13 7.30 -3.49
N GLU A 168 0.31 6.88 -4.75
CA GLU A 168 1.63 6.64 -5.30
CA GLU A 168 1.66 6.71 -5.27
C GLU A 168 1.66 7.23 -6.71
N PRO A 169 2.08 8.47 -6.85
CA PRO A 169 2.18 9.03 -8.22
C PRO A 169 3.09 8.15 -9.05
N VAL A 170 2.67 7.84 -10.29
CA VAL A 170 3.40 6.84 -11.06
C VAL A 170 4.83 7.35 -11.35
N TRP A 171 4.95 8.67 -11.53
CA TRP A 171 6.20 9.32 -11.85
C TRP A 171 7.22 9.31 -10.71
N ALA A 172 6.78 8.93 -9.50
CA ALA A 172 7.63 8.84 -8.33
C ALA A 172 8.08 7.42 -8.05
N ILE A 173 7.55 6.44 -8.76
CA ILE A 173 7.84 5.03 -8.46
C ILE A 173 9.18 4.64 -9.06
N GLY A 174 10.18 4.42 -8.20
CA GLY A 174 11.47 3.89 -8.65
C GLY A 174 12.30 4.90 -9.43
N THR A 175 11.88 6.14 -9.54
CA THR A 175 12.54 7.11 -10.38
C THR A 175 13.48 8.06 -9.70
N GLY A 176 13.52 8.05 -8.39
CA GLY A 176 14.29 9.01 -7.60
C GLY A 176 13.75 10.39 -7.56
N LYS A 177 12.50 10.55 -7.88
CA LYS A 177 11.75 11.82 -7.94
C LYS A 177 10.56 11.73 -7.00
N VAL A 178 10.85 11.89 -5.72
CA VAL A 178 9.81 11.85 -4.69
C VAL A 178 8.87 13.02 -4.89
N ALA A 179 7.57 12.84 -4.50
CA ALA A 179 6.65 13.93 -4.38
C ALA A 179 7.09 14.80 -3.21
N THR A 180 6.89 16.09 -3.33
CA THR A 180 7.17 16.97 -2.17
C THR A 180 6.12 16.76 -1.10
N PRO A 181 6.46 17.14 0.16
CA PRO A 181 5.45 17.02 1.20
C PRO A 181 4.18 17.76 0.84
N GLU A 182 4.30 18.94 0.20
CA GLU A 182 3.14 19.71 -0.17
C GLU A 182 2.32 19.03 -1.27
N GLN A 183 3.00 18.43 -2.26
CA GLN A 183 2.29 17.68 -3.29
C GLN A 183 1.53 16.54 -2.70
N ALA A 184 2.17 15.75 -1.84
CA ALA A 184 1.50 14.59 -1.27
C ALA A 184 0.35 15.05 -0.36
N GLN A 185 0.62 16.02 0.50
CA GLN A 185 -0.44 16.48 1.43
C GLN A 185 -1.68 16.97 0.69
N GLU A 186 -1.50 17.70 -0.41
CA GLU A 186 -2.60 18.21 -1.22
CA GLU A 186 -2.71 18.24 -1.06
C GLU A 186 -3.53 17.09 -1.64
N VAL A 187 -2.94 16.01 -2.13
CA VAL A 187 -3.71 14.87 -2.61
C VAL A 187 -4.33 14.12 -1.44
N HIS A 188 -3.55 13.87 -0.38
CA HIS A 188 -4.17 13.17 0.74
C HIS A 188 -5.35 13.96 1.33
N LEU A 189 -5.25 15.29 1.39
CA LEU A 189 -6.33 16.09 1.91
C LEU A 189 -7.56 15.95 1.05
N LEU A 190 -7.43 16.00 -0.26
CA LEU A 190 -8.58 15.92 -1.13
C LEU A 190 -9.18 14.52 -1.13
N LEU A 191 -8.36 13.48 -0.97
CA LEU A 191 -8.87 12.12 -0.85
C LEU A 191 -9.68 11.98 0.44
N ARG A 192 -9.14 12.47 1.54
CA ARG A 192 -9.82 12.31 2.80
C ARG A 192 -11.15 13.06 2.77
N LYS A 193 -11.17 14.27 2.19
CA LYS A 193 -12.43 15.01 2.11
C LYS A 193 -13.46 14.24 1.27
N TRP A 194 -13.03 13.67 0.15
CA TRP A 194 -13.92 12.85 -0.64
C TRP A 194 -14.49 11.72 0.19
N VAL A 195 -13.61 11.01 0.91
CA VAL A 195 -14.10 9.91 1.76
C VAL A 195 -15.08 10.39 2.81
N SER A 196 -14.76 11.51 3.43
CA SER A 196 -15.64 12.08 4.46
CA SER A 196 -15.65 12.04 4.47
C SER A 196 -17.04 12.32 3.92
N GLU A 197 -17.13 12.92 2.75
CA GLU A 197 -18.40 13.31 2.16
C GLU A 197 -19.15 12.20 1.50
N ASN A 198 -18.43 11.18 0.96
CA ASN A 198 -19.05 10.14 0.16
C ASN A 198 -19.23 8.83 0.91
N ILE A 199 -18.40 8.60 1.94
CA ILE A 199 -18.38 7.36 2.73
C ILE A 199 -18.84 7.62 4.17
N GLY A 200 -18.18 8.56 4.84
CA GLY A 200 -18.56 8.88 6.19
C GLY A 200 -17.49 9.70 6.91
N THR A 201 -17.89 10.56 7.80
CA THR A 201 -16.88 11.33 8.52
CA THR A 201 -16.97 11.34 8.62
C THR A 201 -16.04 10.46 9.45
N ASP A 202 -16.63 9.45 10.07
CA ASP A 202 -15.94 8.52 10.94
C ASP A 202 -14.90 7.71 10.12
N VAL A 203 -15.37 7.23 8.98
CA VAL A 203 -14.48 6.44 8.10
C VAL A 203 -13.29 7.30 7.72
N ALA A 204 -13.52 8.54 7.33
CA ALA A 204 -12.44 9.40 6.89
C ALA A 204 -11.43 9.63 8.00
N ALA A 205 -11.90 9.81 9.21
CA ALA A 205 -10.97 10.11 10.31
C ALA A 205 -10.05 8.94 10.62
N LYS A 206 -10.55 7.72 10.40
CA LYS A 206 -9.82 6.51 10.72
C LYS A 206 -8.98 5.96 9.59
N LEU A 207 -9.23 6.42 8.37
CA LEU A 207 -8.63 5.87 7.20
C LEU A 207 -7.14 6.22 7.13
N ARG A 208 -6.31 5.18 6.93
CA ARG A 208 -4.90 5.43 6.64
C ARG A 208 -4.75 5.67 5.14
N ILE A 209 -4.14 6.83 4.82
CA ILE A 209 -3.75 7.16 3.47
C ILE A 209 -2.21 7.28 3.51
N LEU A 210 -1.58 6.33 2.85
CA LEU A 210 -0.11 6.23 2.79
C LEU A 210 0.39 6.90 1.53
N TYR A 211 1.60 7.43 1.58
CA TYR A 211 2.29 7.92 0.41
C TYR A 211 3.32 6.88 -0.02
N GLY A 212 3.46 6.72 -1.34
CA GLY A 212 4.56 5.96 -1.88
C GLY A 212 5.13 6.56 -3.13
N GLY A 213 6.41 6.28 -3.38
CA GLY A 213 7.12 6.72 -4.56
C GLY A 213 8.39 7.44 -4.12
N SER A 214 9.50 6.69 -4.14
CA SER A 214 10.82 7.20 -3.79
C SER A 214 10.92 7.70 -2.36
N VAL A 215 10.15 7.11 -1.45
CA VAL A 215 10.37 7.32 -0.03
C VAL A 215 11.72 6.74 0.36
N ASN A 216 12.47 7.49 1.18
CA ASN A 216 13.68 6.93 1.78
C ASN A 216 13.78 7.42 3.21
N ALA A 217 14.82 6.96 3.91
CA ALA A 217 14.93 7.28 5.32
C ALA A 217 15.16 8.76 5.57
N ALA A 218 15.70 9.47 4.60
CA ALA A 218 15.99 10.88 4.75
C ALA A 218 14.77 11.79 4.48
N ASN A 219 13.86 11.40 3.64
CA ASN A 219 12.70 12.24 3.33
C ASN A 219 11.47 11.83 4.08
N ALA A 220 11.47 10.69 4.77
CA ALA A 220 10.20 10.18 5.32
C ALA A 220 9.68 11.06 6.43
N ALA A 221 10.49 11.54 7.36
CA ALA A 221 9.90 12.24 8.52
C ALA A 221 9.18 13.52 8.08
N THR A 222 9.74 14.22 7.12
CA THR A 222 9.06 15.48 6.75
CA THR A 222 9.14 15.47 6.64
C THR A 222 7.81 15.21 5.94
N LEU A 223 7.70 14.08 5.24
CA LEU A 223 6.42 13.65 4.67
C LEU A 223 5.44 13.37 5.78
N TYR A 224 5.88 12.59 6.79
CA TYR A 224 5.00 12.16 7.84
C TYR A 224 4.50 13.36 8.68
N ALA A 225 5.24 14.46 8.69
CA ALA A 225 4.80 15.61 9.45
C ALA A 225 3.54 16.21 8.90
N LYS A 226 3.17 15.95 7.65
CA LYS A 226 1.97 16.52 7.07
C LYS A 226 0.73 15.84 7.66
N PRO A 227 -0.34 16.61 7.90
CA PRO A 227 -1.41 16.09 8.74
C PRO A 227 -2.23 14.98 8.15
N ASP A 228 -2.23 14.78 6.83
CA ASP A 228 -3.06 13.75 6.24
C ASP A 228 -2.28 12.59 5.66
N ILE A 229 -1.01 12.48 6.00
CA ILE A 229 -0.12 11.40 5.59
C ILE A 229 0.03 10.42 6.77
N ASN A 230 -0.34 9.15 6.55
CA ASN A 230 -0.39 8.16 7.62
C ASN A 230 0.67 7.08 7.52
N GLY A 231 1.73 7.33 6.75
CA GLY A 231 2.76 6.35 6.58
C GLY A 231 3.02 6.14 5.08
N PHE A 232 3.67 5.00 4.81
CA PHE A 232 4.37 4.85 3.55
C PHE A 232 4.23 3.45 2.98
N LEU A 233 4.21 3.43 1.63
CA LEU A 233 4.41 2.19 0.87
C LEU A 233 5.74 2.33 0.17
N VAL A 234 6.70 1.47 0.52
CA VAL A 234 8.10 1.65 0.19
C VAL A 234 8.55 0.51 -0.69
N GLY A 235 9.16 0.86 -1.83
CA GLY A 235 9.72 -0.14 -2.74
C GLY A 235 11.20 -0.33 -2.47
N GLY A 236 12.02 0.37 -3.26
CA GLY A 236 13.47 0.11 -3.17
C GLY A 236 14.09 0.21 -1.80
N ALA A 237 13.72 1.22 -1.02
CA ALA A 237 14.35 1.41 0.29
C ALA A 237 13.94 0.30 1.26
N SER A 238 12.86 -0.46 0.96
CA SER A 238 12.44 -1.51 1.86
C SER A 238 13.25 -2.78 1.74
N LEU A 239 14.16 -2.84 0.76
CA LEU A 239 15.09 -3.92 0.59
C LEU A 239 16.38 -3.67 1.37
N LYS A 240 16.46 -2.57 2.08
CA LYS A 240 17.68 -2.11 2.72
CA LYS A 240 17.66 -2.09 2.73
C LYS A 240 17.44 -1.87 4.22
N PRO A 241 18.56 -1.86 4.99
CA PRO A 241 18.41 -1.65 6.44
C PRO A 241 17.79 -0.33 6.80
N GLU A 242 17.83 0.66 5.92
CA GLU A 242 17.30 1.99 6.18
C GLU A 242 15.76 1.96 6.26
N PHE A 243 15.10 0.84 5.93
CA PHE A 243 13.68 0.73 6.24
C PHE A 243 13.43 0.95 7.72
N ARG A 244 14.37 0.57 8.58
CA ARG A 244 14.22 0.82 10.01
C ARG A 244 13.95 2.30 10.29
N ASP A 245 14.70 3.19 9.69
CA ASP A 245 14.48 4.60 9.90
C ASP A 245 13.21 5.12 9.23
N ILE A 246 12.75 4.46 8.18
CA ILE A 246 11.45 4.84 7.62
C ILE A 246 10.35 4.51 8.62
N ILE A 247 10.41 3.33 9.23
CA ILE A 247 9.47 3.00 10.30
C ILE A 247 9.52 4.08 11.37
N ASP A 248 10.70 4.40 11.83
CA ASP A 248 10.82 5.34 12.97
C ASP A 248 10.43 6.76 12.58
N ALA A 249 10.38 7.06 11.29
CA ALA A 249 9.87 8.32 10.79
C ALA A 249 8.36 8.46 10.96
N THR A 250 7.67 7.42 11.36
CA THR A 250 6.26 7.52 11.66
C THR A 250 5.97 7.77 13.13
N ARG A 251 7.00 8.07 13.92
CA ARG A 251 6.83 8.46 15.32
CA ARG A 251 6.82 8.44 15.32
C ARG A 251 6.19 9.83 15.50
C1 G3P B . 5.01 2.20 -3.86
C2 G3P B . 6.26 1.63 -4.52
O2 G3P B . 6.00 1.17 -5.80
C3 G3P B . 7.31 2.74 -4.65
O1P G3P B . 8.57 2.14 -5.04
O4P G3P B . 9.82 3.21 -3.22
O2P G3P B . 11.04 2.13 -5.21
O3P G3P B . 9.81 4.33 -5.47
P G3P B . 9.88 3.02 -4.71
C3 1GP C . 4.72 1.94 -3.64
O3 1GP C . 6.14 0.59 -4.86
C2 1GP C . 5.82 2.00 -4.63
C1 1GP C . 7.16 2.56 -4.18
O1P 1GP C . 8.36 2.18 -4.89
O2P 1GP C . 9.78 3.25 -3.16
O3P 1GP C . 10.89 2.12 -5.14
O4P 1GP C . 9.56 4.29 -5.50
P 1GP C . 9.71 3.03 -4.63
C1 GOL D . 8.46 22.67 -3.83
O1 GOL D . 8.25 23.70 -4.73
C2 GOL D . 7.35 22.66 -2.73
O2 GOL D . 7.75 21.59 -1.84
C3 GOL D . 5.95 22.53 -3.24
O3 GOL D . 5.69 21.33 -4.04
C1 GOL E . 0.81 -12.76 -10.70
O1 GOL E . 0.61 -12.35 -9.34
C2 GOL E . 1.45 -14.16 -10.74
O2 GOL E . 2.76 -14.11 -10.18
C3 GOL E . 1.54 -14.66 -12.18
O3 GOL E . 0.50 -14.03 -12.95
#